data_2E9Y
#
_entry.id   2E9Y
#
_cell.length_a   57.573
_cell.length_b   93.855
_cell.length_c   116.085
_cell.angle_alpha   90.00
_cell.angle_beta   90.00
_cell.angle_gamma   90.00
#
_symmetry.space_group_name_H-M   'P 21 21 21'
#
loop_
_entity.id
_entity.type
_entity.pdbx_description
1 polymer 'Carbamate kinase'
2 water water
#
_entity_poly.entity_id   1
_entity_poly.type   'polypeptide(L)'
_entity_poly.pdbx_seq_one_letter_code
;MDSGRLAVIALGGNAIAGPGMDVSVESQTAAVKRASSIIADVLADGWRSVITHGNGPQVGYLSEAFEALPPERPRQPLYI
ATAMTQAWIGLLLKHSLEEELRRRGLNVLVPVVISRVLVDVSDPSFNNPSKPVGPIYGREEAEELSRRYGWVFKRDPRGG
FRRVVPSPRPVSIVDRDLIAEASAESPAVVALGGGGVPVVERPGGVLEPVEAVVDKDLASSLLATQLNADLLVILTDVPG
VAVNYGREGERWLRRAAASELKKYLREGHFPPGSMGPKVEAAISFVERTGKPAVIGSLEEARQVLSLQAGTVVMLG
;
_entity_poly.pdbx_strand_id   A,B
#
# COMPACT_ATOMS: atom_id res chain seq x y z
N GLY A 4 -10.33 27.36 -5.25
CA GLY A 4 -9.30 26.28 -5.23
C GLY A 4 -8.64 26.12 -3.87
N ARG A 5 -9.41 26.29 -2.80
CA ARG A 5 -8.86 26.15 -1.46
C ARG A 5 -8.62 24.68 -1.14
N LEU A 6 -7.83 24.42 -0.10
CA LEU A 6 -7.50 23.05 0.29
C LEU A 6 -8.17 22.62 1.58
N ALA A 7 -8.71 21.42 1.58
CA ALA A 7 -9.37 20.89 2.77
C ALA A 7 -8.93 19.46 3.03
N VAL A 8 -8.63 19.16 4.29
CA VAL A 8 -8.27 17.80 4.67
C VAL A 8 -9.60 17.23 5.14
N ILE A 9 -10.04 16.16 4.50
CA ILE A 9 -11.32 15.53 4.84
C ILE A 9 -11.08 14.16 5.44
N ALA A 10 -11.42 14.03 6.72
CA ALA A 10 -11.23 12.78 7.45
C ALA A 10 -12.49 11.92 7.42
N LEU A 11 -12.43 10.83 6.65
CA LEU A 11 -13.56 9.91 6.53
C LEU A 11 -13.60 8.95 7.71
N GLY A 12 -14.79 8.42 7.99
CA GLY A 12 -14.97 7.48 9.07
C GLY A 12 -15.29 6.08 8.57
N GLY A 13 -15.65 5.18 9.49
CA GLY A 13 -15.96 3.81 9.10
C GLY A 13 -17.10 3.66 8.10
N ASN A 14 -18.10 4.54 8.20
CA ASN A 14 -19.26 4.47 7.31
C ASN A 14 -18.94 4.73 5.84
N ALA A 15 -17.75 5.25 5.57
CA ALA A 15 -17.37 5.54 4.20
C ALA A 15 -16.65 4.37 3.54
N ILE A 16 -16.12 3.46 4.36
CA ILE A 16 -15.34 2.32 3.86
C ILE A 16 -15.95 0.93 3.95
N ALA A 17 -16.70 0.65 5.02
CA ALA A 17 -17.16 -0.68 5.37
C ALA A 17 -18.69 -0.70 5.51
N GLY A 18 -19.26 -1.91 5.39
CA GLY A 18 -20.70 -2.01 5.50
C GLY A 18 -21.17 -1.98 6.95
N PRO A 19 -22.49 -1.84 7.12
CA PRO A 19 -23.09 -1.93 8.44
C PRO A 19 -22.67 -3.22 9.12
N GLY A 20 -22.21 -3.09 10.38
CA GLY A 20 -21.79 -4.28 11.11
C GLY A 20 -20.30 -4.57 10.92
N MET A 21 -19.59 -3.58 10.36
CA MET A 21 -18.13 -3.69 10.27
C MET A 21 -17.68 -4.72 9.23
N ASP A 22 -18.52 -4.95 8.21
CA ASP A 22 -18.19 -6.01 7.25
C ASP A 22 -17.09 -5.56 6.26
N VAL A 23 -15.94 -6.23 6.32
CA VAL A 23 -14.82 -5.91 5.44
C VAL A 23 -14.84 -6.70 4.13
N SER A 24 -15.95 -7.38 3.86
CA SER A 24 -16.06 -8.16 2.64
C SER A 24 -15.92 -7.20 1.46
N VAL A 25 -15.25 -7.65 0.40
CA VAL A 25 -15.04 -6.80 -0.76
C VAL A 25 -16.35 -6.20 -1.27
N GLU A 26 -17.43 -6.95 -1.14
CA GLU A 26 -18.74 -6.49 -1.57
C GLU A 26 -19.19 -5.28 -0.77
N SER A 27 -19.26 -5.46 0.54
CA SER A 27 -19.69 -4.41 1.46
C SER A 27 -18.91 -3.11 1.26
N GLN A 28 -17.59 -3.20 1.31
CA GLN A 28 -16.73 -2.02 1.15
C GLN A 28 -16.91 -1.29 -0.17
N THR A 29 -16.94 -2.04 -1.28
CA THR A 29 -17.09 -1.42 -2.58
C THR A 29 -18.36 -0.57 -2.68
N ALA A 30 -19.43 -1.04 -2.04
CA ALA A 30 -20.71 -0.32 -2.03
C ALA A 30 -20.63 0.93 -1.18
N ALA A 31 -19.97 0.83 -0.03
CA ALA A 31 -19.82 1.98 0.87
C ALA A 31 -18.93 3.03 0.21
N VAL A 32 -17.83 2.58 -0.36
CA VAL A 32 -16.89 3.50 -1.02
C VAL A 32 -17.53 4.20 -2.21
N LYS A 33 -18.42 3.51 -2.93
CA LYS A 33 -19.09 4.11 -4.06
C LYS A 33 -19.91 5.31 -3.57
N ARG A 34 -20.63 5.11 -2.46
CA ARG A 34 -21.43 6.19 -1.89
C ARG A 34 -20.54 7.36 -1.48
N ALA A 35 -19.44 7.06 -0.81
CA ALA A 35 -18.52 8.10 -0.36
C ALA A 35 -17.86 8.85 -1.52
N SER A 36 -17.49 8.11 -2.57
CA SER A 36 -16.84 8.73 -3.72
C SER A 36 -17.79 9.67 -4.47
N SER A 37 -19.06 9.30 -4.53
CA SER A 37 -20.04 10.14 -5.22
C SER A 37 -20.10 11.48 -4.50
N ILE A 38 -20.21 11.43 -3.18
CA ILE A 38 -20.28 12.64 -2.36
C ILE A 38 -18.99 13.47 -2.46
N ILE A 39 -17.84 12.80 -2.47
CA ILE A 39 -16.58 13.53 -2.58
C ILE A 39 -16.49 14.22 -3.94
N ALA A 40 -17.02 13.57 -4.96
CA ALA A 40 -17.02 14.13 -6.30
C ALA A 40 -17.81 15.44 -6.31
N ASP A 41 -18.88 15.49 -5.52
CA ASP A 41 -19.68 16.69 -5.43
C ASP A 41 -18.82 17.82 -4.87
N VAL A 42 -18.10 17.51 -3.79
CA VAL A 42 -17.25 18.48 -3.14
C VAL A 42 -16.19 19.04 -4.10
N LEU A 43 -15.60 18.17 -4.91
CA LEU A 43 -14.60 18.60 -5.88
C LEU A 43 -15.27 19.47 -6.94
N ALA A 44 -16.53 19.19 -7.23
CA ALA A 44 -17.28 19.97 -8.20
C ALA A 44 -17.43 21.39 -7.71
N ASP A 45 -17.58 21.56 -6.39
CA ASP A 45 -17.73 22.88 -5.81
C ASP A 45 -16.44 23.69 -5.77
N GLY A 46 -15.37 23.12 -6.35
CA GLY A 46 -14.09 23.83 -6.39
C GLY A 46 -13.02 23.51 -5.37
N TRP A 47 -13.30 22.61 -4.43
CA TRP A 47 -12.32 22.27 -3.41
C TRP A 47 -11.22 21.31 -3.86
N ARG A 48 -10.04 21.49 -3.30
CA ARG A 48 -8.92 20.59 -3.56
C ARG A 48 -8.91 19.84 -2.23
N SER A 49 -8.59 18.55 -2.24
CA SER A 49 -8.62 17.82 -0.99
C SER A 49 -7.57 16.76 -0.78
N VAL A 50 -7.38 16.43 0.48
CA VAL A 50 -6.48 15.38 0.93
C VAL A 50 -7.45 14.59 1.79
N ILE A 51 -7.78 13.39 1.34
CA ILE A 51 -8.74 12.53 2.01
C ILE A 51 -8.06 11.48 2.89
N THR A 52 -8.39 11.47 4.17
CA THR A 52 -7.83 10.49 5.09
C THR A 52 -8.96 9.55 5.50
N HIS A 53 -8.62 8.48 6.21
CA HIS A 53 -9.63 7.52 6.64
C HIS A 53 -9.09 6.65 7.77
N GLY A 54 -10.00 5.92 8.44
CA GLY A 54 -9.60 5.04 9.52
C GLY A 54 -9.32 3.65 8.95
N ASN A 55 -8.99 2.70 9.80
CA ASN A 55 -8.71 1.33 9.32
C ASN A 55 -8.99 0.29 10.41
N GLY A 56 -9.81 0.66 11.40
CA GLY A 56 -10.10 -0.25 12.50
C GLY A 56 -10.45 -1.69 12.14
N PRO A 57 -11.59 -1.92 11.47
CA PRO A 57 -12.01 -3.27 11.11
C PRO A 57 -11.01 -3.96 10.20
N GLN A 58 -10.42 -3.19 9.29
CA GLN A 58 -9.46 -3.73 8.33
C GLN A 58 -8.16 -4.22 8.95
N VAL A 59 -7.55 -3.39 9.80
CA VAL A 59 -6.30 -3.80 10.43
C VAL A 59 -6.58 -4.94 11.42
N GLY A 60 -7.79 -4.94 11.98
CA GLY A 60 -8.16 -6.01 12.91
C GLY A 60 -8.27 -7.32 12.15
N TYR A 61 -8.88 -7.26 10.97
CA TYR A 61 -9.05 -8.44 10.12
C TYR A 61 -7.70 -9.03 9.76
N LEU A 62 -6.76 -8.17 9.33
CA LEU A 62 -5.43 -8.65 8.97
C LEU A 62 -4.72 -9.29 10.16
N SER A 63 -4.85 -8.66 11.34
CA SER A 63 -4.23 -9.20 12.55
C SER A 63 -4.77 -10.62 12.82
N GLU A 64 -6.07 -10.79 12.68
CA GLU A 64 -6.71 -12.09 12.91
C GLU A 64 -6.22 -13.11 11.89
N ALA A 65 -6.13 -12.68 10.63
CA ALA A 65 -5.71 -13.55 9.54
C ALA A 65 -4.31 -14.12 9.79
N PHE A 66 -3.35 -13.25 10.13
CA PHE A 66 -2.00 -13.74 10.36
C PHE A 66 -1.93 -14.65 11.59
N GLU A 67 -2.72 -14.32 12.61
CA GLU A 67 -2.74 -15.14 13.82
C GLU A 67 -3.43 -16.49 13.59
N ALA A 68 -4.22 -16.60 12.54
CA ALA A 68 -4.91 -17.86 12.24
C ALA A 68 -3.97 -18.87 11.58
N LEU A 69 -2.81 -18.40 11.14
CA LEU A 69 -1.82 -19.27 10.51
C LEU A 69 -1.23 -20.23 11.54
N PRO A 70 -0.63 -21.35 11.08
CA PRO A 70 -0.02 -22.30 12.00
C PRO A 70 1.04 -21.57 12.81
N PRO A 71 1.22 -21.94 14.09
CA PRO A 71 2.19 -21.32 14.98
C PRO A 71 3.60 -21.10 14.40
N GLU A 72 4.04 -21.98 13.51
CA GLU A 72 5.36 -21.85 12.93
C GLU A 72 5.52 -20.74 11.90
N ARG A 73 4.40 -20.28 11.34
CA ARG A 73 4.45 -19.22 10.33
C ARG A 73 4.64 -17.86 11.01
N PRO A 74 5.35 -16.94 10.36
CA PRO A 74 5.55 -15.63 11.00
C PRO A 74 4.32 -14.75 10.86
N ARG A 75 4.08 -13.89 11.85
CA ARG A 75 2.97 -12.94 11.80
C ARG A 75 3.61 -11.60 11.48
N GLN A 76 3.02 -10.84 10.57
CA GLN A 76 3.57 -9.54 10.24
C GLN A 76 3.27 -8.59 11.38
N PRO A 77 4.17 -7.64 11.66
CA PRO A 77 3.94 -6.69 12.75
C PRO A 77 2.83 -5.72 12.38
N LEU A 78 2.24 -5.11 13.40
CA LEU A 78 1.13 -4.18 13.21
C LEU A 78 1.40 -3.03 12.24
N TYR A 79 2.63 -2.51 12.21
CA TYR A 79 2.90 -1.41 11.30
C TYR A 79 2.85 -1.85 9.85
N ILE A 80 3.15 -3.12 9.58
CA ILE A 80 3.07 -3.64 8.23
C ILE A 80 1.58 -3.83 7.90
N ALA A 81 0.82 -4.30 8.89
CA ALA A 81 -0.61 -4.48 8.69
C ALA A 81 -1.24 -3.12 8.37
N THR A 82 -0.83 -2.09 9.11
CA THR A 82 -1.35 -0.75 8.86
C THR A 82 -1.01 -0.29 7.44
N ALA A 83 0.23 -0.52 7.02
CA ALA A 83 0.63 -0.11 5.66
C ALA A 83 -0.25 -0.83 4.64
N MET A 84 -0.49 -2.12 4.88
CA MET A 84 -1.35 -2.90 4.00
C MET A 84 -2.74 -2.26 3.87
N THR A 85 -3.30 -1.81 5.00
CA THR A 85 -4.64 -1.20 4.95
C THR A 85 -4.64 0.11 4.16
N GLN A 86 -3.51 0.79 4.10
CA GLN A 86 -3.47 2.04 3.33
C GLN A 86 -3.65 1.72 1.85
N ALA A 87 -3.06 0.62 1.39
CA ALA A 87 -3.20 0.24 -0.02
C ALA A 87 -4.57 -0.37 -0.27
N TRP A 88 -5.05 -1.17 0.67
CA TRP A 88 -6.35 -1.83 0.56
C TRP A 88 -7.47 -0.79 0.47
N ILE A 89 -7.63 0.01 1.52
CA ILE A 89 -8.69 1.02 1.54
C ILE A 89 -8.40 2.13 0.53
N GLY A 90 -7.14 2.54 0.44
CA GLY A 90 -6.76 3.58 -0.49
C GLY A 90 -7.13 3.25 -1.92
N LEU A 91 -6.83 2.03 -2.35
CA LEU A 91 -7.15 1.61 -3.72
C LEU A 91 -8.67 1.64 -3.95
N LEU A 92 -9.42 1.17 -2.97
CA LEU A 92 -10.88 1.16 -3.10
C LEU A 92 -11.41 2.58 -3.35
N LEU A 93 -10.95 3.54 -2.55
CA LEU A 93 -11.37 4.94 -2.70
C LEU A 93 -10.86 5.52 -4.00
N LYS A 94 -9.59 5.27 -4.30
CA LYS A 94 -8.96 5.75 -5.53
C LYS A 94 -9.69 5.29 -6.79
N HIS A 95 -9.92 3.98 -6.89
CA HIS A 95 -10.58 3.41 -8.06
C HIS A 95 -12.00 3.94 -8.23
N SER A 96 -12.75 3.98 -7.13
CA SER A 96 -14.14 4.45 -7.17
C SER A 96 -14.26 5.94 -7.49
N LEU A 97 -13.42 6.76 -6.88
CA LEU A 97 -13.46 8.19 -7.12
C LEU A 97 -13.09 8.52 -8.57
N GLU A 98 -12.04 7.88 -9.07
CA GLU A 98 -11.62 8.09 -10.45
C GLU A 98 -12.74 7.73 -11.41
N GLU A 99 -13.43 6.62 -11.13
CA GLU A 99 -14.53 6.18 -11.99
C GLU A 99 -15.67 7.19 -11.98
N GLU A 100 -15.98 7.73 -10.80
CA GLU A 100 -17.05 8.70 -10.66
C GLU A 100 -16.73 10.00 -11.39
N LEU A 101 -15.52 10.51 -11.18
CA LEU A 101 -15.11 11.75 -11.83
C LEU A 101 -15.12 11.58 -13.35
N ARG A 102 -14.74 10.40 -13.81
CA ARG A 102 -14.70 10.08 -15.23
C ARG A 102 -16.13 10.11 -15.78
N ARG A 103 -17.04 9.51 -15.03
CA ARG A 103 -18.44 9.45 -15.41
C ARG A 103 -18.99 10.87 -15.56
N ARG A 104 -18.33 11.83 -14.92
CA ARG A 104 -18.75 13.22 -14.97
C ARG A 104 -17.92 14.01 -15.98
N GLY A 105 -17.14 13.30 -16.79
CA GLY A 105 -16.32 13.96 -17.80
C GLY A 105 -14.96 14.43 -17.32
N LEU A 106 -14.65 14.19 -16.06
CA LEU A 106 -13.36 14.59 -15.49
C LEU A 106 -12.40 13.41 -15.47
N ASN A 107 -11.28 13.55 -16.16
CA ASN A 107 -10.29 12.48 -16.21
C ASN A 107 -9.07 12.84 -15.37
N VAL A 108 -9.07 12.36 -14.12
CA VAL A 108 -7.97 12.61 -13.20
C VAL A 108 -7.59 11.35 -12.45
N LEU A 109 -6.32 11.24 -12.08
CA LEU A 109 -5.84 10.09 -11.33
C LEU A 109 -5.73 10.51 -9.87
N VAL A 110 -6.13 9.61 -8.99
CA VAL A 110 -6.09 9.87 -7.56
C VAL A 110 -4.96 9.07 -6.91
N PRO A 111 -3.92 9.77 -6.42
CA PRO A 111 -2.81 9.05 -5.80
C PRO A 111 -3.15 8.61 -4.38
N VAL A 112 -2.50 7.54 -3.93
CA VAL A 112 -2.64 7.04 -2.58
C VAL A 112 -1.23 7.15 -2.00
N VAL A 113 -1.07 7.98 -0.98
CA VAL A 113 0.26 8.17 -0.41
C VAL A 113 0.49 7.31 0.82
N ILE A 114 1.48 6.42 0.75
CA ILE A 114 1.81 5.62 1.91
C ILE A 114 2.42 6.56 2.92
N SER A 115 1.81 6.58 4.11
CA SER A 115 2.06 7.68 5.04
C SER A 115 2.54 7.19 6.43
N ARG A 116 3.67 7.78 6.90
CA ARG A 116 4.13 7.49 8.25
C ARG A 116 3.91 8.70 9.16
N VAL A 117 3.68 8.44 10.46
CA VAL A 117 3.45 9.52 11.41
C VAL A 117 4.46 9.38 12.55
N LEU A 118 5.14 10.47 12.88
CA LEU A 118 6.12 10.48 13.97
C LEU A 118 5.42 10.59 15.32
N VAL A 119 5.79 9.72 16.26
CA VAL A 119 5.22 9.75 17.60
C VAL A 119 6.38 9.83 18.59
N ASP A 120 6.10 10.19 19.83
CA ASP A 120 7.15 10.32 20.84
C ASP A 120 7.25 9.09 21.73
N VAL A 121 8.46 8.58 21.89
CA VAL A 121 8.69 7.39 22.70
C VAL A 121 8.32 7.59 24.17
N SER A 122 8.21 8.85 24.60
CA SER A 122 7.87 9.15 25.99
C SER A 122 6.36 9.17 26.22
N ASP A 123 5.59 9.08 25.13
CA ASP A 123 4.14 9.11 25.23
C ASP A 123 3.63 8.09 26.26
N PRO A 124 2.80 8.54 27.19
CA PRO A 124 2.20 7.70 28.25
C PRO A 124 1.56 6.40 27.73
N SER A 125 1.09 6.45 26.49
CA SER A 125 0.43 5.28 25.93
C SER A 125 1.34 4.05 25.77
N PHE A 126 2.64 4.27 25.61
CA PHE A 126 3.56 3.14 25.42
C PHE A 126 3.66 2.28 26.69
N ASN A 127 3.43 2.92 27.86
CA ASN A 127 3.50 2.17 29.11
C ASN A 127 2.10 1.72 29.56
N ASN A 128 1.07 2.36 28.93
CA ASN A 128 -0.32 2.01 29.27
C ASN A 128 -1.16 1.75 28.00
N PRO A 129 -0.76 0.74 27.19
CA PRO A 129 -1.53 0.45 25.97
C PRO A 129 -2.96 0.05 26.29
N SER A 130 -3.92 0.58 25.53
CA SER A 130 -5.32 0.26 25.79
C SER A 130 -6.17 0.05 24.55
N LYS A 131 -5.56 0.12 23.38
CA LYS A 131 -6.31 -0.08 22.14
C LYS A 131 -6.27 -1.56 21.75
N PRO A 132 -7.43 -2.25 21.78
CA PRO A 132 -7.50 -3.66 21.43
C PRO A 132 -7.30 -3.84 19.93
N VAL A 133 -6.52 -4.85 19.55
CA VAL A 133 -6.27 -5.14 18.15
C VAL A 133 -6.12 -6.64 17.93
N GLY A 134 -6.87 -7.17 16.98
CA GLY A 134 -6.76 -8.59 16.69
C GLY A 134 -7.82 -9.48 17.32
N PRO A 135 -7.59 -10.79 17.29
CA PRO A 135 -8.48 -11.82 17.81
C PRO A 135 -8.39 -12.01 19.32
N ILE A 136 -9.19 -12.94 19.82
CA ILE A 136 -9.19 -13.27 21.23
C ILE A 136 -8.09 -14.30 21.44
N TYR A 137 -7.27 -14.06 22.45
CA TYR A 137 -6.16 -14.96 22.76
C TYR A 137 -6.47 -15.76 24.02
N GLY A 138 -5.98 -17.00 24.06
CA GLY A 138 -6.18 -17.84 25.22
C GLY A 138 -5.15 -17.47 26.28
N ARG A 139 -5.42 -17.84 27.52
CA ARG A 139 -4.52 -17.52 28.62
C ARG A 139 -3.08 -17.98 28.40
N GLU A 140 -2.91 -19.25 28.06
CA GLU A 140 -1.58 -19.80 27.84
C GLU A 140 -0.82 -19.10 26.72
N GLU A 141 -1.48 -18.88 25.59
CA GLU A 141 -0.85 -18.22 24.46
C GLU A 141 -0.51 -16.77 24.80
N ALA A 142 -1.43 -16.08 25.47
CA ALA A 142 -1.21 -14.68 25.84
C ALA A 142 -0.04 -14.53 26.81
N GLU A 143 0.03 -15.39 27.82
CA GLU A 143 1.11 -15.31 28.79
C GLU A 143 2.46 -15.57 28.11
N GLU A 144 2.44 -16.42 27.10
CA GLU A 144 3.65 -16.75 26.35
C GLU A 144 4.11 -15.55 25.52
N LEU A 145 3.15 -14.91 24.84
CA LEU A 145 3.46 -13.74 24.01
C LEU A 145 4.01 -12.61 24.88
N SER A 146 3.52 -12.50 26.11
CA SER A 146 3.97 -11.45 27.02
C SER A 146 5.40 -11.75 27.47
N ARG A 147 5.68 -13.02 27.73
CA ARG A 147 7.01 -13.43 28.17
C ARG A 147 8.03 -13.35 27.04
N ARG A 148 7.61 -13.74 25.84
CA ARG A 148 8.48 -13.75 24.67
C ARG A 148 8.67 -12.40 23.96
N TYR A 149 7.57 -11.70 23.68
CA TYR A 149 7.65 -10.43 22.98
C TYR A 149 7.29 -9.23 23.85
N GLY A 150 6.94 -9.47 25.11
CA GLY A 150 6.58 -8.37 25.98
C GLY A 150 5.24 -7.74 25.61
N TRP A 151 4.38 -8.51 24.96
CA TRP A 151 3.06 -8.01 24.57
C TRP A 151 2.22 -7.76 25.82
N VAL A 152 1.28 -6.83 25.70
CA VAL A 152 0.40 -6.49 26.81
C VAL A 152 -1.03 -6.90 26.47
N PHE A 153 -1.73 -7.48 27.44
CA PHE A 153 -3.11 -7.94 27.22
C PHE A 153 -4.09 -7.38 28.23
N LYS A 154 -5.36 -7.41 27.85
CA LYS A 154 -6.46 -7.00 28.72
C LYS A 154 -7.46 -8.14 28.69
N ARG A 155 -7.99 -8.49 29.86
CA ARG A 155 -8.95 -9.57 29.91
C ARG A 155 -10.28 -9.11 29.33
N ASP A 156 -10.90 -9.97 28.53
CA ASP A 156 -12.20 -9.67 27.93
C ASP A 156 -13.23 -10.41 28.77
N PRO A 157 -14.24 -9.70 29.29
CA PRO A 157 -15.29 -10.25 30.16
C PRO A 157 -16.05 -11.44 29.53
N ARG A 158 -16.06 -11.49 28.18
CA ARG A 158 -16.76 -12.59 27.52
C ARG A 158 -15.90 -13.86 27.45
N GLY A 159 -14.61 -13.68 27.82
CA GLY A 159 -13.69 -14.81 27.80
C GLY A 159 -12.43 -14.48 27.00
N GLY A 160 -11.28 -14.96 27.53
CA GLY A 160 -10.02 -14.75 26.80
C GLY A 160 -9.41 -13.35 27.02
N PHE A 161 -8.45 -13.03 26.16
CA PHE A 161 -7.73 -11.77 26.24
C PHE A 161 -7.61 -11.06 24.91
N ARG A 162 -7.44 -9.74 24.96
CA ARG A 162 -7.26 -8.95 23.75
C ARG A 162 -5.87 -8.34 23.86
N ARG A 163 -5.14 -8.31 22.75
CA ARG A 163 -3.83 -7.68 22.79
C ARG A 163 -4.14 -6.20 22.69
N VAL A 164 -3.49 -5.39 23.52
CA VAL A 164 -3.70 -3.95 23.47
C VAL A 164 -2.36 -3.32 23.09
N VAL A 165 -2.42 -2.31 22.23
CA VAL A 165 -1.22 -1.62 21.79
C VAL A 165 -1.36 -0.13 22.04
N PRO A 166 -0.22 0.58 22.08
CA PRO A 166 -0.20 2.03 22.32
C PRO A 166 -0.90 2.84 21.23
N SER A 167 -1.50 3.96 21.63
CA SER A 167 -2.14 4.87 20.69
C SER A 167 -1.59 6.25 21.05
N PRO A 168 -0.30 6.49 20.75
CA PRO A 168 0.40 7.74 21.02
C PRO A 168 -0.12 8.90 20.18
N ARG A 169 0.08 10.11 20.67
CA ARG A 169 -0.37 11.29 19.93
C ARG A 169 0.59 11.60 18.78
N PRO A 170 0.04 12.05 17.64
CA PRO A 170 0.87 12.37 16.47
C PRO A 170 1.71 13.61 16.72
N VAL A 171 2.98 13.56 16.33
CA VAL A 171 3.88 14.70 16.51
C VAL A 171 4.12 15.43 15.20
N SER A 172 4.34 14.65 14.13
CA SER A 172 4.56 15.24 12.81
C SER A 172 4.24 14.19 11.75
N ILE A 173 3.88 14.66 10.56
CA ILE A 173 3.58 13.73 9.46
C ILE A 173 4.87 13.61 8.65
N VAL A 174 5.54 12.49 8.79
CA VAL A 174 6.81 12.25 8.12
C VAL A 174 6.75 12.49 6.61
N ASP A 175 5.66 12.03 6.00
CA ASP A 175 5.49 12.15 4.56
C ASP A 175 4.70 13.36 4.08
N ARG A 176 4.65 14.39 4.92
CA ARG A 176 3.94 15.61 4.59
C ARG A 176 4.30 16.16 3.20
N ASP A 177 5.60 16.22 2.89
CA ASP A 177 6.03 16.73 1.60
C ASP A 177 5.48 15.95 0.40
N LEU A 178 5.43 14.62 0.50
CA LEU A 178 4.90 13.83 -0.61
C LEU A 178 3.41 14.09 -0.76
N ILE A 179 2.73 14.30 0.37
CA ILE A 179 1.31 14.58 0.32
C ILE A 179 1.09 15.95 -0.33
N ALA A 180 1.91 16.93 0.03
CA ALA A 180 1.79 18.27 -0.54
C ALA A 180 2.04 18.24 -2.04
N GLU A 181 3.05 17.50 -2.46
CA GLU A 181 3.38 17.38 -3.88
C GLU A 181 2.23 16.74 -4.64
N ALA A 182 1.65 15.69 -4.05
CA ALA A 182 0.54 15.01 -4.69
C ALA A 182 -0.65 15.95 -4.84
N SER A 183 -0.87 16.77 -3.82
CA SER A 183 -1.98 17.73 -3.82
C SER A 183 -1.81 18.80 -4.89
N ALA A 184 -0.56 19.17 -5.16
CA ALA A 184 -0.29 20.17 -6.18
C ALA A 184 -0.66 19.62 -7.55
N GLU A 185 -0.52 18.30 -7.71
CA GLU A 185 -0.81 17.64 -8.98
C GLU A 185 -2.24 17.14 -9.16
N SER A 186 -2.95 16.87 -8.07
CA SER A 186 -4.31 16.37 -8.16
C SER A 186 -5.23 16.97 -7.10
N PRO A 187 -6.51 17.22 -7.48
CA PRO A 187 -7.52 17.78 -6.58
C PRO A 187 -8.02 16.80 -5.53
N ALA A 188 -7.68 15.53 -5.70
CA ALA A 188 -8.09 14.49 -4.77
C ALA A 188 -6.89 13.58 -4.48
N VAL A 189 -6.46 13.56 -3.23
CA VAL A 189 -5.33 12.75 -2.79
C VAL A 189 -5.74 11.95 -1.56
N VAL A 190 -5.44 10.65 -1.55
CA VAL A 190 -5.77 9.81 -0.40
C VAL A 190 -4.49 9.61 0.39
N ALA A 191 -4.52 9.88 1.69
CA ALA A 191 -3.33 9.73 2.50
C ALA A 191 -3.63 9.51 3.97
N LEU A 192 -2.58 9.24 4.73
CA LEU A 192 -2.67 9.03 6.17
C LEU A 192 -3.72 7.99 6.53
N GLY A 193 -3.79 6.92 5.75
CA GLY A 193 -4.76 5.88 6.02
C GLY A 193 -4.57 5.25 7.38
N GLY A 194 -5.66 5.09 8.13
CA GLY A 194 -5.61 4.46 9.44
C GLY A 194 -4.90 5.33 10.49
N GLY A 195 -4.60 6.59 10.09
CA GLY A 195 -3.92 7.48 11.03
C GLY A 195 -2.41 7.52 10.78
N GLY A 196 -1.96 6.65 9.85
CA GLY A 196 -0.55 6.63 9.47
C GLY A 196 0.21 5.49 10.14
N VAL A 197 1.36 5.13 9.51
CA VAL A 197 2.29 4.19 10.13
C VAL A 197 3.21 4.88 11.14
N PRO A 198 3.09 4.52 12.44
CA PRO A 198 3.90 5.13 13.48
C PRO A 198 5.35 4.74 13.41
N VAL A 199 6.16 5.78 13.47
CA VAL A 199 7.57 5.58 13.64
C VAL A 199 8.09 6.49 14.74
N VAL A 200 9.23 6.09 15.32
CA VAL A 200 9.90 6.93 16.32
C VAL A 200 11.31 7.26 15.88
N GLU A 201 11.81 8.43 16.30
CA GLU A 201 13.20 8.72 16.00
C GLU A 201 14.15 8.06 17.00
N ARG A 202 15.05 7.25 16.44
CA ARG A 202 16.07 6.64 17.26
C ARG A 202 17.32 7.48 17.23
N PRO A 203 18.29 7.21 18.12
CA PRO A 203 19.51 8.03 18.11
C PRO A 203 20.23 7.94 16.77
N GLY A 204 20.61 9.10 16.23
CA GLY A 204 21.31 9.11 14.97
C GLY A 204 20.42 9.50 13.80
N GLY A 205 19.20 9.93 14.10
CA GLY A 205 18.27 10.33 13.05
C GLY A 205 17.50 9.20 12.41
N VAL A 206 17.77 7.98 12.83
CA VAL A 206 17.09 6.81 12.28
C VAL A 206 15.62 6.72 12.69
N LEU A 207 14.75 6.50 11.72
CA LEU A 207 13.32 6.36 11.99
C LEU A 207 13.06 4.86 12.08
N GLU A 208 12.28 4.44 13.07
CA GLU A 208 11.98 3.04 13.24
C GLU A 208 10.49 2.84 13.45
N PRO A 209 9.87 1.95 12.64
CA PRO A 209 8.46 1.68 12.78
C PRO A 209 8.17 1.04 14.14
N VAL A 210 7.03 1.33 14.74
CA VAL A 210 6.68 0.71 16.02
C VAL A 210 5.27 0.14 15.97
N GLU A 211 4.99 -0.86 16.81
CA GLU A 211 3.66 -1.45 16.83
C GLU A 211 2.77 -0.61 17.71
N ALA A 212 1.97 0.23 17.07
CA ALA A 212 1.04 1.12 17.75
C ALA A 212 0.08 1.64 16.72
N VAL A 213 -0.97 2.30 17.17
CA VAL A 213 -1.94 2.90 16.25
C VAL A 213 -2.01 4.38 16.59
N VAL A 214 -2.39 5.18 15.61
CA VAL A 214 -2.51 6.63 15.81
C VAL A 214 -3.93 7.02 15.45
N ASP A 215 -4.58 7.83 16.29
CA ASP A 215 -5.94 8.27 16.04
C ASP A 215 -5.97 9.00 14.69
N LYS A 216 -6.85 8.56 13.79
CA LYS A 216 -6.93 9.16 12.47
C LYS A 216 -7.38 10.62 12.48
N ASP A 217 -8.18 11.00 13.47
CA ASP A 217 -8.65 12.38 13.54
C ASP A 217 -7.56 13.30 14.05
N LEU A 218 -6.87 12.90 15.10
CA LEU A 218 -5.78 13.71 15.64
C LEU A 218 -4.71 13.86 14.57
N ALA A 219 -4.41 12.78 13.87
CA ALA A 219 -3.41 12.80 12.81
C ALA A 219 -3.83 13.70 11.64
N SER A 220 -5.10 13.61 11.25
CA SER A 220 -5.63 14.43 10.16
C SER A 220 -5.56 15.91 10.51
N SER A 221 -5.80 16.22 11.78
CA SER A 221 -5.75 17.61 12.23
C SER A 221 -4.32 18.11 12.08
N LEU A 222 -3.36 17.31 12.55
CA LEU A 222 -1.97 17.68 12.45
C LEU A 222 -1.57 17.86 10.98
N LEU A 223 -2.05 16.97 10.10
CA LEU A 223 -1.73 17.08 8.68
C LEU A 223 -2.26 18.38 8.10
N ALA A 224 -3.50 18.73 8.45
CA ALA A 224 -4.12 19.96 7.97
C ALA A 224 -3.28 21.17 8.37
N THR A 225 -2.80 21.15 9.61
CA THR A 225 -1.97 22.23 10.11
C THR A 225 -0.63 22.30 9.38
N GLN A 226 0.00 21.15 9.15
CA GLN A 226 1.30 21.14 8.48
C GLN A 226 1.20 21.45 6.97
N LEU A 227 0.01 21.20 6.39
CA LEU A 227 -0.19 21.51 4.97
C LEU A 227 -0.67 22.96 4.78
N ASN A 228 -0.87 23.66 5.89
CA ASN A 228 -1.49 24.99 5.81
C ASN A 228 -2.84 24.92 5.08
N ALA A 229 -3.63 23.91 5.42
CA ALA A 229 -4.94 23.72 4.80
C ALA A 229 -5.87 24.85 5.19
N ASP A 230 -6.84 25.12 4.33
CA ASP A 230 -7.80 26.18 4.60
C ASP A 230 -8.92 25.68 5.51
N LEU A 231 -9.09 24.36 5.58
CA LEU A 231 -10.16 23.80 6.40
C LEU A 231 -9.92 22.35 6.78
N LEU A 232 -10.32 21.99 7.98
CA LEU A 232 -10.24 20.61 8.45
C LEU A 232 -11.69 20.17 8.55
N VAL A 233 -12.00 19.06 7.88
CA VAL A 233 -13.36 18.52 7.88
C VAL A 233 -13.34 17.10 8.42
N ILE A 234 -14.21 16.82 9.39
CA ILE A 234 -14.32 15.48 9.93
C ILE A 234 -15.72 14.97 9.60
N LEU A 235 -15.80 13.96 8.76
CA LEU A 235 -17.09 13.40 8.36
C LEU A 235 -17.37 12.11 9.11
N THR A 236 -18.44 12.11 9.90
CA THR A 236 -18.82 10.94 10.69
C THR A 236 -20.23 10.48 10.35
N ASP A 237 -20.86 9.74 11.27
CA ASP A 237 -22.20 9.24 11.03
C ASP A 237 -23.28 9.97 11.80
N VAL A 238 -22.95 11.17 12.29
CA VAL A 238 -23.90 12.01 13.03
C VAL A 238 -23.81 13.43 12.47
N PRO A 239 -24.88 14.24 12.65
CA PRO A 239 -24.91 15.62 12.15
C PRO A 239 -23.84 16.57 12.69
N GLY A 240 -23.12 16.17 13.73
CA GLY A 240 -22.09 17.03 14.27
C GLY A 240 -21.77 16.73 15.72
N VAL A 241 -21.49 17.78 16.48
CA VAL A 241 -21.18 17.65 17.90
C VAL A 241 -22.43 17.99 18.70
N ALA A 242 -22.68 17.23 19.75
CA ALA A 242 -23.84 17.48 20.59
C ALA A 242 -23.51 17.39 22.08
N VAL A 243 -24.11 18.27 22.86
CA VAL A 243 -23.92 18.26 24.31
C VAL A 243 -25.10 17.43 24.82
N ASN A 244 -24.91 16.68 25.90
CA ASN A 244 -25.97 15.84 26.43
C ASN A 244 -26.39 14.86 25.34
N TYR A 245 -25.42 14.47 24.52
CA TYR A 245 -25.64 13.53 23.43
C TYR A 245 -26.30 12.25 23.91
N GLY A 246 -27.36 11.84 23.21
CA GLY A 246 -28.07 10.62 23.58
C GLY A 246 -28.68 10.69 24.97
N ARG A 247 -28.87 11.90 25.48
CA ARG A 247 -29.45 12.09 26.80
C ARG A 247 -30.54 13.17 26.76
N GLU A 248 -31.16 13.42 27.91
CA GLU A 248 -32.23 14.40 28.02
C GLU A 248 -31.99 15.74 27.31
N GLY A 249 -31.20 16.61 27.94
CA GLY A 249 -30.94 17.91 27.35
C GLY A 249 -30.06 17.92 26.11
N GLU A 250 -30.18 16.89 25.27
CA GLU A 250 -29.39 16.79 24.06
C GLU A 250 -29.63 17.95 23.10
N ARG A 251 -28.54 18.54 22.61
CA ARG A 251 -28.61 19.64 21.68
C ARG A 251 -27.44 19.58 20.72
N TRP A 252 -27.72 19.60 19.43
CA TRP A 252 -26.67 19.56 18.41
C TRP A 252 -26.20 20.97 18.13
N LEU A 253 -24.89 21.20 18.30
CA LEU A 253 -24.31 22.51 18.07
C LEU A 253 -24.09 22.76 16.59
N ARG A 254 -24.37 24.02 16.18
CA ARG A 254 -24.17 24.40 14.80
C ARG A 254 -22.87 25.20 14.64
N ARG A 255 -22.55 25.91 15.73
CA ARG A 255 -21.32 26.65 15.81
C ARG A 255 -20.89 26.74 17.28
N ALA A 256 -19.60 26.66 17.54
CA ALA A 256 -19.09 26.71 18.90
C ALA A 256 -17.62 27.14 18.91
N ALA A 257 -17.28 28.00 19.86
CA ALA A 257 -15.91 28.46 19.99
C ALA A 257 -15.07 27.30 20.53
N ALA A 258 -13.87 27.13 19.99
CA ALA A 258 -12.98 26.06 20.43
C ALA A 258 -12.78 26.10 21.93
N SER A 259 -12.69 27.31 22.48
CA SER A 259 -12.49 27.49 23.92
C SER A 259 -13.66 26.90 24.70
N GLU A 260 -14.86 27.03 24.15
CA GLU A 260 -16.04 26.51 24.82
C GLU A 260 -16.09 24.99 24.72
N LEU A 261 -15.77 24.44 23.56
CA LEU A 261 -15.78 23.00 23.39
C LEU A 261 -14.70 22.35 24.26
N LYS A 262 -13.59 23.05 24.44
CA LYS A 262 -12.49 22.54 25.25
C LYS A 262 -12.94 22.31 26.69
N LYS A 263 -13.85 23.16 27.18
CA LYS A 263 -14.36 23.02 28.53
C LYS A 263 -15.20 21.74 28.63
N TYR A 264 -16.10 21.56 27.67
CA TYR A 264 -16.97 20.39 27.63
C TYR A 264 -16.12 19.12 27.53
N LEU A 265 -15.07 19.19 26.72
CA LEU A 265 -14.17 18.06 26.51
C LEU A 265 -13.53 17.58 27.80
N ARG A 266 -13.07 18.52 28.63
CA ARG A 266 -12.45 18.18 29.90
C ARG A 266 -13.41 17.58 30.93
N GLU A 267 -14.70 17.74 30.70
CA GLU A 267 -15.71 17.21 31.62
C GLU A 267 -16.28 15.87 31.19
N GLY A 268 -15.70 15.27 30.16
CA GLY A 268 -16.16 13.98 29.68
C GLY A 268 -17.46 13.98 28.91
N HIS A 269 -17.82 15.12 28.33
CA HIS A 269 -19.04 15.23 27.55
C HIS A 269 -18.97 14.43 26.26
N PHE A 270 -17.76 14.21 25.77
CA PHE A 270 -17.55 13.49 24.51
C PHE A 270 -16.82 12.17 24.70
N PRO A 271 -17.51 11.04 24.50
CA PRO A 271 -16.95 9.70 24.64
C PRO A 271 -15.55 9.55 24.03
N PRO A 272 -14.58 9.13 24.85
CA PRO A 272 -13.19 8.95 24.38
C PRO A 272 -13.09 8.01 23.19
N GLY A 273 -14.11 7.17 23.01
CA GLY A 273 -14.10 6.22 21.91
C GLY A 273 -14.76 6.66 20.62
N SER A 274 -15.23 7.90 20.56
CA SER A 274 -15.88 8.36 19.34
C SER A 274 -15.75 9.85 19.04
N MET A 275 -16.61 10.66 19.63
CA MET A 275 -16.60 12.10 19.39
C MET A 275 -15.49 12.87 20.11
N GLY A 276 -14.98 12.32 21.21
CA GLY A 276 -13.94 13.00 21.95
C GLY A 276 -12.73 13.36 21.10
N PRO A 277 -12.10 12.38 20.43
CA PRO A 277 -10.93 12.65 19.60
C PRO A 277 -11.22 13.64 18.46
N LYS A 278 -12.43 13.58 17.92
CA LYS A 278 -12.82 14.47 16.84
C LYS A 278 -12.90 15.92 17.33
N VAL A 279 -13.45 16.11 18.53
CA VAL A 279 -13.54 17.45 19.10
C VAL A 279 -12.13 17.95 19.41
N GLU A 280 -11.30 17.07 19.96
CA GLU A 280 -9.93 17.44 20.30
C GLU A 280 -9.19 17.86 19.03
N ALA A 281 -9.37 17.09 17.96
CA ALA A 281 -8.73 17.35 16.67
C ALA A 281 -9.17 18.71 16.12
N ALA A 282 -10.47 18.96 16.14
CA ALA A 282 -11.01 20.23 15.64
C ALA A 282 -10.44 21.40 16.42
N ILE A 283 -10.44 21.29 17.74
CA ILE A 283 -9.91 22.36 18.58
C ILE A 283 -8.44 22.63 18.29
N SER A 284 -7.65 21.56 18.17
CA SER A 284 -6.23 21.70 17.89
C SER A 284 -5.98 22.46 16.59
N PHE A 285 -6.78 22.16 15.57
CA PHE A 285 -6.63 22.82 14.28
C PHE A 285 -6.88 24.33 14.43
N VAL A 286 -7.97 24.68 15.11
CA VAL A 286 -8.28 26.08 15.31
C VAL A 286 -7.18 26.81 16.09
N GLU A 287 -6.69 26.19 17.16
CA GLU A 287 -5.65 26.79 17.98
C GLU A 287 -4.32 26.97 17.25
N ARG A 288 -3.94 25.97 16.46
CA ARG A 288 -2.68 26.02 15.73
C ARG A 288 -2.68 26.80 14.43
N THR A 289 -3.85 26.93 13.80
CA THR A 289 -3.92 27.64 12.53
C THR A 289 -4.77 28.90 12.56
N GLY A 290 -5.74 28.94 13.46
CA GLY A 290 -6.60 30.11 13.55
C GLY A 290 -7.72 30.05 12.53
N LYS A 291 -7.83 28.92 11.83
CA LYS A 291 -8.89 28.74 10.83
C LYS A 291 -9.98 27.82 11.39
N PRO A 292 -11.20 27.93 10.86
CA PRO A 292 -12.30 27.08 11.32
C PRO A 292 -12.14 25.60 10.96
N ALA A 293 -12.76 24.75 11.76
CA ALA A 293 -12.77 23.31 11.52
C ALA A 293 -14.23 22.94 11.62
N VAL A 294 -14.66 21.91 10.90
CA VAL A 294 -16.06 21.51 10.97
C VAL A 294 -16.22 20.00 11.11
N ILE A 295 -17.19 19.61 11.93
CA ILE A 295 -17.49 18.21 12.17
C ILE A 295 -18.93 17.96 11.75
N GLY A 296 -19.13 17.07 10.79
CA GLY A 296 -20.48 16.80 10.32
C GLY A 296 -20.70 15.40 9.76
N SER A 297 -21.86 15.23 9.13
CA SER A 297 -22.26 13.96 8.54
C SER A 297 -21.71 13.76 7.13
N LEU A 298 -21.33 12.53 6.81
CA LEU A 298 -20.80 12.22 5.48
C LEU A 298 -21.88 12.55 4.46
N GLU A 299 -23.12 12.21 4.79
CA GLU A 299 -24.24 12.47 3.89
C GLU A 299 -24.38 13.96 3.54
N GLU A 300 -24.18 14.83 4.53
CA GLU A 300 -24.30 16.27 4.31
C GLU A 300 -22.99 16.95 3.96
N ALA A 301 -21.97 16.16 3.64
CA ALA A 301 -20.65 16.69 3.31
C ALA A 301 -20.63 17.96 2.45
N ARG A 302 -21.39 17.96 1.36
CA ARG A 302 -21.42 19.10 0.47
C ARG A 302 -21.74 20.40 1.23
N GLN A 303 -22.71 20.33 2.13
CA GLN A 303 -23.08 21.50 2.92
C GLN A 303 -22.05 21.74 4.02
N VAL A 304 -21.55 20.65 4.61
CA VAL A 304 -20.55 20.76 5.69
C VAL A 304 -19.33 21.59 5.26
N LEU A 305 -18.84 21.31 4.04
CA LEU A 305 -17.69 22.00 3.46
C LEU A 305 -17.94 23.50 3.31
N SER A 306 -19.22 23.84 3.02
CA SER A 306 -19.61 25.25 2.89
C SER A 306 -19.88 25.91 4.25
N LEU A 307 -19.74 25.10 5.33
CA LEU A 307 -19.99 25.55 6.69
C LEU A 307 -21.48 25.80 6.91
N GLN A 308 -22.33 25.14 6.10
CA GLN A 308 -23.77 25.33 6.23
C GLN A 308 -24.45 24.15 6.93
N ALA A 309 -23.63 23.16 7.30
CA ALA A 309 -24.13 22.01 8.05
C ALA A 309 -23.08 21.51 9.02
N GLY A 310 -23.48 20.71 10.00
CA GLY A 310 -22.52 20.22 10.97
C GLY A 310 -22.15 21.25 12.01
N THR A 311 -21.14 20.94 12.81
CA THR A 311 -20.69 21.85 13.86
C THR A 311 -19.42 22.59 13.46
N VAL A 312 -19.51 23.91 13.34
CA VAL A 312 -18.36 24.71 12.98
C VAL A 312 -17.63 25.14 14.25
N VAL A 313 -16.38 24.72 14.38
CA VAL A 313 -15.57 25.08 15.54
C VAL A 313 -14.82 26.35 15.17
N MET A 314 -15.16 27.45 15.85
CA MET A 314 -14.58 28.76 15.58
C MET A 314 -13.45 29.18 16.51
N LEU A 315 -12.68 30.16 16.06
CA LEU A 315 -11.55 30.68 16.82
C LEU A 315 -12.00 31.36 18.11
N GLY A 316 -11.12 31.32 19.12
CA GLY A 316 -11.45 31.94 20.40
C GLY A 316 -12.19 30.97 21.33
N ARG B 5 19.35 10.95 -16.66
CA ARG B 5 19.07 9.59 -17.20
C ARG B 5 18.05 8.88 -16.31
N LEU B 6 17.07 8.22 -16.91
CA LEU B 6 16.04 7.50 -16.15
C LEU B 6 16.13 6.01 -16.41
N ALA B 7 16.23 5.24 -15.32
CA ALA B 7 16.30 3.81 -15.45
C ALA B 7 15.14 3.17 -14.69
N VAL B 8 14.53 2.16 -15.29
CA VAL B 8 13.47 1.40 -14.64
C VAL B 8 14.24 0.18 -14.18
N ILE B 9 14.27 -0.05 -12.88
CA ILE B 9 15.01 -1.18 -12.32
C ILE B 9 14.08 -2.19 -11.69
N ALA B 10 14.02 -3.38 -12.28
CA ALA B 10 13.16 -4.45 -11.79
C ALA B 10 13.90 -5.35 -10.81
N LEU B 11 13.53 -5.25 -9.53
CA LEU B 11 14.15 -6.05 -8.49
C LEU B 11 13.51 -7.44 -8.43
N GLY B 12 14.29 -8.42 -8.01
CA GLY B 12 13.80 -9.78 -7.91
C GLY B 12 13.49 -10.17 -6.48
N GLY B 13 13.20 -11.46 -6.28
CA GLY B 13 12.86 -11.94 -4.95
C GLY B 13 13.96 -11.81 -3.91
N ASN B 14 15.21 -11.97 -4.33
CA ASN B 14 16.35 -11.89 -3.40
C ASN B 14 16.52 -10.49 -2.82
N ALA B 15 15.84 -9.51 -3.40
CA ALA B 15 15.95 -8.15 -2.91
C ALA B 15 14.94 -7.85 -1.82
N ILE B 16 13.89 -8.66 -1.74
CA ILE B 16 12.83 -8.43 -0.77
C ILE B 16 12.68 -9.46 0.35
N ALA B 17 12.85 -10.73 0.03
CA ALA B 17 12.71 -11.77 1.04
C ALA B 17 13.94 -12.64 1.13
N GLY B 18 13.90 -13.62 2.03
CA GLY B 18 15.01 -14.53 2.21
C GLY B 18 14.75 -15.85 1.50
N PRO B 19 15.80 -16.64 1.23
CA PRO B 19 15.65 -17.93 0.55
C PRO B 19 14.57 -18.80 1.18
N GLY B 20 13.85 -19.54 0.34
CA GLY B 20 12.79 -20.40 0.84
C GLY B 20 11.53 -19.62 1.16
N MET B 21 11.36 -18.47 0.49
CA MET B 21 10.19 -17.63 0.70
C MET B 21 10.04 -17.17 2.14
N ASP B 22 11.15 -16.75 2.75
CA ASP B 22 11.13 -16.28 4.14
C ASP B 22 10.60 -14.86 4.23
N VAL B 23 9.32 -14.72 4.52
CA VAL B 23 8.69 -13.40 4.59
C VAL B 23 8.59 -12.75 5.96
N SER B 24 9.34 -13.26 6.93
CA SER B 24 9.30 -12.67 8.27
C SER B 24 9.81 -11.23 8.16
N VAL B 25 9.34 -10.34 9.03
CA VAL B 25 9.77 -8.95 8.98
C VAL B 25 11.29 -8.83 9.17
N GLU B 26 11.86 -9.68 10.02
CA GLU B 26 13.29 -9.64 10.25
C GLU B 26 14.08 -9.92 8.98
N SER B 27 13.71 -11.01 8.30
CA SER B 27 14.39 -11.41 7.07
C SER B 27 14.17 -10.45 5.92
N GLN B 28 12.97 -9.91 5.78
CA GLN B 28 12.71 -8.98 4.71
C GLN B 28 13.39 -7.64 4.95
N THR B 29 13.40 -7.19 6.21
CA THR B 29 14.03 -5.91 6.52
C THR B 29 15.51 -5.99 6.18
N ALA B 30 16.12 -7.13 6.50
CA ALA B 30 17.53 -7.32 6.23
C ALA B 30 17.80 -7.36 4.72
N ALA B 31 16.97 -8.11 3.99
CA ALA B 31 17.14 -8.22 2.54
C ALA B 31 16.99 -6.86 1.88
N VAL B 32 15.96 -6.13 2.28
CA VAL B 32 15.70 -4.81 1.72
C VAL B 32 16.82 -3.82 2.03
N LYS B 33 17.40 -3.92 3.23
CA LYS B 33 18.50 -3.02 3.59
C LYS B 33 19.69 -3.24 2.64
N ARG B 34 19.97 -4.50 2.33
CA ARG B 34 21.07 -4.82 1.42
C ARG B 34 20.80 -4.27 0.03
N ALA B 35 19.58 -4.46 -0.45
CA ALA B 35 19.20 -3.99 -1.77
C ALA B 35 19.21 -2.47 -1.84
N SER B 36 18.68 -1.84 -0.79
CA SER B 36 18.62 -0.38 -0.75
C SER B 36 20.00 0.27 -0.73
N SER B 37 20.94 -0.36 -0.04
CA SER B 37 22.29 0.17 0.01
C SER B 37 22.87 0.22 -1.40
N ILE B 38 22.63 -0.85 -2.16
CA ILE B 38 23.12 -0.93 -3.53
C ILE B 38 22.41 0.06 -4.45
N ILE B 39 21.11 0.17 -4.32
CA ILE B 39 20.33 1.11 -5.12
C ILE B 39 20.82 2.53 -4.82
N ALA B 40 21.07 2.81 -3.55
CA ALA B 40 21.53 4.14 -3.16
C ALA B 40 22.84 4.47 -3.89
N ASP B 41 23.68 3.46 -4.10
CA ASP B 41 24.94 3.68 -4.82
C ASP B 41 24.66 4.07 -6.26
N VAL B 42 23.65 3.42 -6.84
CA VAL B 42 23.24 3.69 -8.22
C VAL B 42 22.73 5.11 -8.37
N LEU B 43 21.93 5.56 -7.41
CA LEU B 43 21.39 6.90 -7.47
C LEU B 43 22.50 7.92 -7.25
N ALA B 44 23.36 7.63 -6.26
CA ALA B 44 24.48 8.50 -6.01
C ALA B 44 25.34 8.67 -7.28
N ASP B 45 25.25 7.66 -8.17
CA ASP B 45 26.02 7.71 -9.41
C ASP B 45 25.35 8.55 -10.50
N GLY B 46 24.26 9.25 -10.15
CA GLY B 46 23.61 10.11 -11.11
C GLY B 46 22.30 9.66 -11.73
N TRP B 47 21.93 8.41 -11.54
CA TRP B 47 20.69 7.88 -12.13
C TRP B 47 19.43 8.29 -11.35
N ARG B 48 18.36 8.50 -12.13
CA ARG B 48 17.03 8.64 -11.57
C ARG B 48 16.28 7.34 -11.78
N SER B 49 15.37 7.00 -10.87
CA SER B 49 14.90 5.65 -10.98
C SER B 49 13.46 5.40 -10.56
N VAL B 50 12.82 4.55 -11.36
CA VAL B 50 11.62 3.88 -10.92
C VAL B 50 11.94 2.43 -10.60
N ILE B 51 11.76 2.04 -9.34
CA ILE B 51 12.08 0.70 -8.88
C ILE B 51 10.83 -0.17 -8.78
N THR B 52 10.84 -1.31 -9.44
CA THR B 52 9.71 -2.23 -9.40
C THR B 52 10.19 -3.49 -8.68
N HIS B 53 9.26 -4.40 -8.38
CA HIS B 53 9.62 -5.61 -7.66
C HIS B 53 8.50 -6.65 -7.80
N GLY B 54 8.81 -7.90 -7.49
CA GLY B 54 7.82 -8.96 -7.56
C GLY B 54 7.12 -9.06 -6.21
N ASN B 55 6.23 -10.03 -6.05
CA ASN B 55 5.50 -10.20 -4.79
C ASN B 55 5.04 -11.64 -4.59
N GLY B 56 5.64 -12.56 -5.33
CA GLY B 56 5.23 -13.96 -5.24
C GLY B 56 5.06 -14.51 -3.83
N PRO B 57 6.13 -14.53 -3.02
CA PRO B 57 6.05 -15.04 -1.65
C PRO B 57 5.09 -14.25 -0.77
N GLN B 58 5.09 -12.94 -0.98
CA GLN B 58 4.23 -12.06 -0.20
C GLN B 58 2.75 -12.21 -0.50
N VAL B 59 2.38 -12.24 -1.78
CA VAL B 59 0.96 -12.37 -2.10
C VAL B 59 0.50 -13.78 -1.74
N GLY B 60 1.41 -14.74 -1.81
CA GLY B 60 1.07 -16.11 -1.45
C GLY B 60 0.78 -16.21 0.05
N TYR B 61 1.60 -15.52 0.84
CA TYR B 61 1.45 -15.49 2.29
C TYR B 61 0.09 -14.90 2.68
N LEU B 62 -0.31 -13.84 1.98
CA LEU B 62 -1.60 -13.22 2.26
C LEU B 62 -2.75 -14.19 1.98
N SER B 63 -2.68 -14.88 0.85
CA SER B 63 -3.73 -15.84 0.49
C SER B 63 -3.80 -16.93 1.55
N GLU B 64 -2.63 -17.40 1.97
CA GLU B 64 -2.53 -18.45 2.99
C GLU B 64 -3.21 -18.00 4.29
N ALA B 65 -2.96 -16.76 4.68
CA ALA B 65 -3.55 -16.23 5.91
C ALA B 65 -5.05 -16.06 5.80
N PHE B 66 -5.53 -15.48 4.69
CA PHE B 66 -6.96 -15.29 4.52
C PHE B 66 -7.69 -16.62 4.59
N GLU B 67 -7.11 -17.65 3.99
CA GLU B 67 -7.74 -18.96 4.00
C GLU B 67 -7.60 -19.70 5.32
N ALA B 68 -6.74 -19.19 6.21
CA ALA B 68 -6.55 -19.82 7.52
C ALA B 68 -7.69 -19.51 8.47
N LEU B 69 -8.47 -18.47 8.17
CA LEU B 69 -9.59 -18.10 9.04
C LEU B 69 -10.76 -19.04 8.82
N PRO B 70 -11.73 -19.06 9.75
CA PRO B 70 -12.90 -19.93 9.59
C PRO B 70 -13.49 -19.61 8.21
N PRO B 71 -13.96 -20.63 7.49
CA PRO B 71 -14.55 -20.46 6.16
C PRO B 71 -15.53 -19.33 5.92
N GLU B 72 -16.32 -18.97 6.93
CA GLU B 72 -17.33 -17.92 6.79
C GLU B 72 -16.78 -16.50 6.84
N ARG B 73 -15.57 -16.31 7.37
CA ARG B 73 -15.00 -14.97 7.42
C ARG B 73 -14.71 -14.50 6.00
N PRO B 74 -14.93 -13.21 5.72
CA PRO B 74 -14.69 -12.63 4.40
C PRO B 74 -13.29 -12.93 3.86
N ARG B 75 -13.21 -13.26 2.56
CA ARG B 75 -11.93 -13.52 1.92
C ARG B 75 -11.70 -12.36 0.96
N GLN B 76 -10.53 -11.74 1.02
CA GLN B 76 -10.26 -10.63 0.12
C GLN B 76 -9.83 -11.17 -1.24
N PRO B 77 -10.22 -10.48 -2.33
CA PRO B 77 -9.85 -10.93 -3.67
C PRO B 77 -8.36 -10.75 -3.92
N LEU B 78 -7.86 -11.45 -4.93
CA LEU B 78 -6.45 -11.38 -5.26
C LEU B 78 -5.97 -9.97 -5.60
N TYR B 79 -6.84 -9.17 -6.23
CA TYR B 79 -6.44 -7.81 -6.59
C TYR B 79 -6.15 -6.96 -5.37
N ILE B 80 -6.89 -7.20 -4.28
CA ILE B 80 -6.68 -6.46 -3.05
C ILE B 80 -5.39 -6.97 -2.37
N ALA B 81 -5.16 -8.28 -2.44
CA ALA B 81 -3.94 -8.84 -1.85
C ALA B 81 -2.75 -8.24 -2.59
N THR B 82 -2.85 -8.15 -3.92
CA THR B 82 -1.74 -7.58 -4.68
C THR B 82 -1.49 -6.14 -4.24
N ALA B 83 -2.55 -5.36 -4.09
CA ALA B 83 -2.40 -3.98 -3.64
C ALA B 83 -1.72 -3.96 -2.27
N MET B 84 -2.15 -4.84 -1.38
CA MET B 84 -1.55 -4.90 -0.05
C MET B 84 -0.04 -5.15 -0.14
N THR B 85 0.40 -6.03 -1.03
CA THR B 85 1.83 -6.28 -1.15
C THR B 85 2.59 -5.07 -1.66
N GLN B 86 1.91 -4.18 -2.39
CA GLN B 86 2.58 -2.98 -2.89
C GLN B 86 2.94 -2.07 -1.71
N ALA B 87 2.05 -1.97 -0.73
CA ALA B 87 2.31 -1.13 0.44
C ALA B 87 3.27 -1.83 1.40
N TRP B 88 3.15 -3.15 1.50
CA TRP B 88 4.00 -3.96 2.38
C TRP B 88 5.47 -3.87 1.95
N ILE B 89 5.75 -4.34 0.74
CA ILE B 89 7.10 -4.33 0.21
C ILE B 89 7.54 -2.89 -0.06
N GLY B 90 6.61 -2.08 -0.54
CA GLY B 90 6.92 -0.69 -0.84
C GLY B 90 7.38 0.08 0.38
N LEU B 91 6.70 -0.11 1.51
CA LEU B 91 7.06 0.57 2.74
C LEU B 91 8.48 0.19 3.17
N LEU B 92 8.78 -1.11 3.10
CA LEU B 92 10.11 -1.58 3.49
C LEU B 92 11.20 -0.96 2.62
N LEU B 93 10.99 -0.97 1.30
CA LEU B 93 11.96 -0.41 0.36
C LEU B 93 12.11 1.09 0.58
N LYS B 94 10.97 1.78 0.68
CA LYS B 94 10.93 3.22 0.89
C LYS B 94 11.66 3.62 2.17
N HIS B 95 11.34 2.94 3.26
CA HIS B 95 11.96 3.26 4.54
C HIS B 95 13.48 3.10 4.51
N SER B 96 13.95 1.94 4.05
CA SER B 96 15.39 1.70 3.99
C SER B 96 16.12 2.56 2.97
N LEU B 97 15.53 2.77 1.81
CA LEU B 97 16.18 3.59 0.80
C LEU B 97 16.36 5.02 1.33
N GLU B 98 15.32 5.56 1.96
CA GLU B 98 15.43 6.91 2.51
C GLU B 98 16.55 7.01 3.52
N GLU B 99 16.69 5.99 4.35
CA GLU B 99 17.73 5.96 5.37
C GLU B 99 19.11 5.90 4.71
N GLU B 100 19.25 5.07 3.69
CA GLU B 100 20.52 4.94 2.98
C GLU B 100 20.90 6.21 2.22
N LEU B 101 19.93 6.82 1.56
CA LEU B 101 20.18 8.05 0.83
C LEU B 101 20.60 9.17 1.78
N ARG B 102 19.92 9.24 2.92
CA ARG B 102 20.22 10.25 3.93
C ARG B 102 21.68 10.18 4.36
N ARG B 103 22.17 8.96 4.60
CA ARG B 103 23.56 8.77 5.02
C ARG B 103 24.55 9.19 3.95
N ARG B 104 24.12 9.13 2.69
CA ARG B 104 24.98 9.50 1.57
C ARG B 104 24.88 10.98 1.22
N GLY B 105 24.11 11.72 2.02
CA GLY B 105 23.96 13.14 1.77
C GLY B 105 22.71 13.59 1.03
N LEU B 106 21.93 12.64 0.51
CA LEU B 106 20.71 12.98 -0.21
C LEU B 106 19.49 12.84 0.70
N ASN B 107 18.96 13.98 1.16
CA ASN B 107 17.79 13.97 2.04
C ASN B 107 16.50 14.04 1.23
N VAL B 108 16.04 12.88 0.76
CA VAL B 108 14.81 12.83 -0.04
C VAL B 108 13.82 11.75 0.39
N LEU B 109 12.55 11.98 0.06
CA LEU B 109 11.50 11.02 0.38
C LEU B 109 11.28 10.14 -0.84
N VAL B 110 10.94 8.88 -0.61
CA VAL B 110 10.71 7.94 -1.69
C VAL B 110 9.23 7.58 -1.72
N PRO B 111 8.53 7.95 -2.81
CA PRO B 111 7.11 7.63 -2.90
C PRO B 111 6.88 6.19 -3.36
N VAL B 112 5.75 5.63 -2.93
CA VAL B 112 5.34 4.28 -3.32
C VAL B 112 4.05 4.53 -4.09
N VAL B 113 4.03 4.16 -5.37
CA VAL B 113 2.85 4.37 -6.18
C VAL B 113 1.99 3.12 -6.31
N ILE B 114 0.74 3.19 -5.85
CA ILE B 114 -0.18 2.08 -5.97
C ILE B 114 -0.46 2.04 -7.45
N SER B 115 -0.14 0.92 -8.08
CA SER B 115 -0.24 0.80 -9.54
C SER B 115 -1.09 -0.31 -10.12
N ARG B 116 -1.90 0.06 -11.11
CA ARG B 116 -2.77 -0.88 -11.80
C ARG B 116 -2.25 -1.07 -13.22
N VAL B 117 -2.45 -2.26 -13.76
CA VAL B 117 -2.01 -2.58 -15.12
C VAL B 117 -3.21 -3.11 -15.89
N LEU B 118 -3.40 -2.57 -17.09
CA LEU B 118 -4.51 -2.99 -17.94
C LEU B 118 -4.16 -4.26 -18.68
N VAL B 119 -5.08 -5.23 -18.69
CA VAL B 119 -4.88 -6.48 -19.40
C VAL B 119 -6.14 -6.71 -20.24
N ASP B 120 -6.10 -7.72 -21.10
CA ASP B 120 -7.22 -8.02 -21.98
C ASP B 120 -7.94 -9.29 -21.53
N VAL B 121 -9.26 -9.21 -21.39
CA VAL B 121 -10.05 -10.35 -20.94
C VAL B 121 -10.00 -11.54 -21.90
N SER B 122 -9.66 -11.28 -23.17
CA SER B 122 -9.57 -12.36 -24.16
C SER B 122 -8.18 -13.02 -24.14
N ASP B 123 -7.31 -12.57 -23.23
CA ASP B 123 -5.97 -13.14 -23.14
C ASP B 123 -6.10 -14.66 -22.95
N PRO B 124 -5.34 -15.45 -23.72
CA PRO B 124 -5.39 -16.92 -23.61
C PRO B 124 -5.14 -17.47 -22.20
N SER B 125 -4.42 -16.69 -21.39
CA SER B 125 -4.09 -17.12 -20.04
C SER B 125 -5.29 -17.29 -19.10
N PHE B 126 -6.35 -16.52 -19.33
CA PHE B 126 -7.52 -16.59 -18.46
C PHE B 126 -8.19 -17.96 -18.38
N ASN B 127 -8.19 -18.71 -19.47
CA ASN B 127 -8.79 -20.04 -19.44
C ASN B 127 -7.74 -21.14 -19.37
N ASN B 128 -6.48 -20.75 -19.39
CA ASN B 128 -5.37 -21.70 -19.29
C ASN B 128 -4.33 -21.16 -18.31
N PRO B 129 -4.74 -20.91 -17.06
CA PRO B 129 -3.83 -20.39 -16.03
C PRO B 129 -2.69 -21.34 -15.74
N SER B 130 -1.49 -20.79 -15.58
CA SER B 130 -0.32 -21.62 -15.30
C SER B 130 0.65 -21.00 -14.30
N LYS B 131 0.33 -19.81 -13.81
CA LYS B 131 1.20 -19.15 -12.84
C LYS B 131 0.88 -19.60 -11.42
N PRO B 132 1.79 -20.35 -10.78
CA PRO B 132 1.58 -20.83 -9.42
C PRO B 132 1.60 -19.71 -8.39
N VAL B 133 0.64 -19.73 -7.47
CA VAL B 133 0.55 -18.73 -6.41
C VAL B 133 0.03 -19.38 -5.13
N GLY B 134 0.32 -18.75 -4.00
CA GLY B 134 -0.17 -19.27 -2.74
C GLY B 134 0.62 -20.42 -2.14
N PRO B 135 0.16 -20.94 -0.99
CA PRO B 135 0.83 -22.04 -0.31
C PRO B 135 0.61 -23.38 -1.00
N ILE B 136 1.37 -24.38 -0.57
CA ILE B 136 1.27 -25.72 -1.10
C ILE B 136 0.22 -26.48 -0.32
N TYR B 137 -0.79 -26.98 -1.02
CA TYR B 137 -1.88 -27.71 -0.39
C TYR B 137 -1.80 -29.20 -0.66
N GLY B 138 -2.56 -29.97 0.12
CA GLY B 138 -2.62 -31.40 -0.06
C GLY B 138 -3.70 -31.71 -1.08
N ARG B 139 -3.72 -32.95 -1.57
CA ARG B 139 -4.69 -33.37 -2.56
C ARG B 139 -6.15 -33.14 -2.17
N GLU B 140 -6.51 -33.55 -0.96
CA GLU B 140 -7.89 -33.39 -0.48
C GLU B 140 -8.25 -31.92 -0.32
N GLU B 141 -7.37 -31.15 0.29
CA GLU B 141 -7.61 -29.73 0.51
C GLU B 141 -7.79 -29.02 -0.83
N ALA B 142 -6.90 -29.30 -1.77
CA ALA B 142 -6.95 -28.68 -3.08
C ALA B 142 -8.28 -28.94 -3.81
N GLU B 143 -8.68 -30.21 -3.91
CA GLU B 143 -9.92 -30.52 -4.60
C GLU B 143 -11.11 -29.85 -3.90
N GLU B 144 -11.02 -29.73 -2.59
CA GLU B 144 -12.09 -29.10 -1.82
C GLU B 144 -12.12 -27.61 -2.15
N LEU B 145 -10.94 -27.01 -2.31
CA LEU B 145 -10.85 -25.59 -2.65
C LEU B 145 -11.38 -25.36 -4.06
N SER B 146 -11.22 -26.35 -4.93
CA SER B 146 -11.70 -26.25 -6.31
C SER B 146 -13.23 -26.24 -6.31
N ARG B 147 -13.82 -27.08 -5.47
CA ARG B 147 -15.27 -27.16 -5.39
C ARG B 147 -15.80 -25.90 -4.71
N ARG B 148 -15.08 -25.42 -3.70
CA ARG B 148 -15.50 -24.23 -2.98
C ARG B 148 -15.39 -22.93 -3.77
N TYR B 149 -14.24 -22.71 -4.41
CA TYR B 149 -14.03 -21.46 -5.16
C TYR B 149 -13.86 -21.57 -6.67
N GLY B 150 -13.68 -22.79 -7.17
CA GLY B 150 -13.49 -22.97 -8.60
C GLY B 150 -12.03 -22.77 -8.97
N TRP B 151 -11.15 -22.80 -7.98
CA TRP B 151 -9.72 -22.64 -8.22
C TRP B 151 -9.15 -23.80 -9.04
N VAL B 152 -8.05 -23.54 -9.73
CA VAL B 152 -7.37 -24.55 -10.53
C VAL B 152 -6.00 -24.79 -9.89
N PHE B 153 -5.55 -26.04 -9.86
CA PHE B 153 -4.28 -26.39 -9.24
C PHE B 153 -3.28 -27.10 -10.14
N LYS B 154 -2.00 -26.98 -9.79
CA LYS B 154 -0.92 -27.63 -10.51
C LYS B 154 -0.15 -28.48 -9.49
N ARG B 155 0.03 -29.76 -9.80
CA ARG B 155 0.75 -30.66 -8.90
C ARG B 155 2.25 -30.63 -9.16
N ASP B 156 3.06 -30.49 -8.09
CA ASP B 156 4.50 -30.46 -8.26
C ASP B 156 5.07 -31.88 -8.14
N PRO B 157 6.35 -32.05 -8.51
CA PRO B 157 7.00 -33.36 -8.43
C PRO B 157 6.86 -34.07 -7.09
N ARG B 158 6.74 -33.29 -6.01
CA ARG B 158 6.61 -33.84 -4.66
C ARG B 158 5.18 -34.19 -4.26
N GLY B 159 4.24 -34.01 -5.18
CA GLY B 159 2.85 -34.33 -4.88
C GLY B 159 2.11 -33.18 -4.21
N GLY B 160 2.74 -32.02 -4.16
CA GLY B 160 2.10 -30.86 -3.56
C GLY B 160 1.24 -30.17 -4.60
N PHE B 161 0.20 -29.48 -4.16
CA PHE B 161 -0.68 -28.78 -5.10
C PHE B 161 -0.68 -27.28 -4.85
N ARG B 162 -0.47 -26.51 -5.91
CA ARG B 162 -0.47 -25.06 -5.81
C ARG B 162 -1.48 -24.49 -6.78
N ARG B 163 -2.19 -23.44 -6.33
CA ARG B 163 -3.18 -22.80 -7.18
C ARG B 163 -2.46 -22.11 -8.34
N VAL B 164 -3.05 -22.15 -9.52
CA VAL B 164 -2.48 -21.47 -10.66
C VAL B 164 -3.48 -20.40 -11.09
N VAL B 165 -2.99 -19.21 -11.41
CA VAL B 165 -3.87 -18.14 -11.83
C VAL B 165 -3.41 -17.58 -13.16
N PRO B 166 -4.30 -16.86 -13.85
CA PRO B 166 -3.92 -16.27 -15.15
C PRO B 166 -2.81 -15.24 -15.00
N SER B 167 -1.93 -15.19 -16.00
CA SER B 167 -0.90 -14.20 -16.04
C SER B 167 -0.87 -13.62 -17.44
N PRO B 168 -1.89 -12.80 -17.71
CA PRO B 168 -2.04 -12.16 -19.03
C PRO B 168 -0.96 -11.14 -19.33
N ARG B 169 -0.74 -10.87 -20.61
CA ARG B 169 0.27 -9.90 -20.97
C ARG B 169 -0.22 -8.48 -20.65
N PRO B 170 0.65 -7.63 -20.09
CA PRO B 170 0.28 -6.26 -19.75
C PRO B 170 0.07 -5.42 -21.01
N VAL B 171 -0.99 -4.62 -21.02
CA VAL B 171 -1.31 -3.78 -22.18
C VAL B 171 -0.87 -2.34 -21.99
N SER B 172 -1.14 -1.80 -20.80
CA SER B 172 -0.78 -0.43 -20.50
C SER B 172 -0.74 -0.26 -18.98
N ILE B 173 0.06 0.69 -18.51
CA ILE B 173 0.15 0.94 -17.08
C ILE B 173 -0.85 2.07 -16.81
N VAL B 174 -1.97 1.72 -16.18
CA VAL B 174 -3.02 2.69 -15.88
C VAL B 174 -2.52 3.90 -15.11
N ASP B 175 -1.64 3.68 -14.15
CA ASP B 175 -1.14 4.78 -13.34
C ASP B 175 0.18 5.36 -13.80
N ARG B 176 0.46 5.19 -15.09
CA ARG B 176 1.70 5.71 -15.68
C ARG B 176 1.95 7.17 -15.33
N ASP B 177 0.94 8.02 -15.49
CA ASP B 177 1.10 9.44 -15.23
C ASP B 177 1.49 9.77 -13.79
N LEU B 178 0.95 9.02 -12.83
CA LEU B 178 1.31 9.25 -11.43
C LEU B 178 2.76 8.86 -11.18
N ILE B 179 3.21 7.81 -11.87
CA ILE B 179 4.59 7.35 -11.72
C ILE B 179 5.53 8.39 -12.33
N ALA B 180 5.15 8.92 -13.49
CA ALA B 180 5.97 9.94 -14.15
C ALA B 180 6.06 11.20 -13.29
N GLU B 181 4.94 11.59 -12.67
CA GLU B 181 4.93 12.77 -11.83
C GLU B 181 5.81 12.57 -10.59
N ALA B 182 5.73 11.38 -9.99
CA ALA B 182 6.54 11.09 -8.81
C ALA B 182 8.02 11.14 -9.17
N SER B 183 8.36 10.59 -10.33
CA SER B 183 9.73 10.54 -10.80
C SER B 183 10.29 11.92 -11.07
N ALA B 184 9.43 12.85 -11.47
CA ALA B 184 9.88 14.22 -11.74
C ALA B 184 10.29 14.88 -10.43
N GLU B 185 9.65 14.45 -9.34
CA GLU B 185 9.93 15.02 -8.02
C GLU B 185 10.97 14.29 -7.18
N SER B 186 11.19 13.00 -7.46
CA SER B 186 12.16 12.23 -6.69
C SER B 186 12.99 11.28 -7.55
N PRO B 187 14.30 11.16 -7.26
CA PRO B 187 15.23 10.29 -7.98
C PRO B 187 14.98 8.81 -7.73
N ALA B 188 14.15 8.50 -6.74
CA ALA B 188 13.83 7.12 -6.42
C ALA B 188 12.33 7.01 -6.20
N VAL B 189 11.69 6.18 -7.00
CA VAL B 189 10.25 5.95 -6.91
C VAL B 189 10.03 4.44 -6.93
N VAL B 190 9.12 3.96 -6.09
CA VAL B 190 8.81 2.55 -6.06
C VAL B 190 7.42 2.43 -6.67
N ALA B 191 7.27 1.56 -7.66
CA ALA B 191 5.98 1.39 -8.31
C ALA B 191 5.82 0.04 -8.98
N LEU B 192 4.60 -0.22 -9.44
CA LEU B 192 4.29 -1.47 -10.13
C LEU B 192 4.68 -2.70 -9.31
N GLY B 193 4.47 -2.63 -7.99
CA GLY B 193 4.80 -3.76 -7.15
C GLY B 193 4.05 -5.01 -7.57
N GLY B 194 4.78 -6.12 -7.69
CA GLY B 194 4.18 -7.42 -8.05
C GLY B 194 3.72 -7.50 -9.50
N GLY B 195 4.09 -6.46 -10.30
CA GLY B 195 3.67 -6.45 -11.68
C GLY B 195 2.42 -5.59 -11.90
N GLY B 196 1.81 -5.18 -10.77
CA GLY B 196 0.66 -4.29 -10.85
C GLY B 196 -0.65 -5.02 -10.53
N VAL B 197 -1.64 -4.22 -10.16
CA VAL B 197 -3.00 -4.71 -9.89
C VAL B 197 -3.70 -4.76 -11.24
N PRO B 198 -4.02 -5.96 -11.75
CA PRO B 198 -4.67 -6.05 -13.06
C PRO B 198 -6.15 -5.69 -13.13
N VAL B 199 -6.51 -4.99 -14.21
CA VAL B 199 -7.89 -4.58 -14.44
C VAL B 199 -8.16 -4.70 -15.94
N VAL B 200 -9.43 -4.80 -16.30
CA VAL B 200 -9.83 -4.87 -17.71
C VAL B 200 -10.83 -3.76 -17.99
N GLU B 201 -10.92 -3.33 -19.25
CA GLU B 201 -11.88 -2.29 -19.63
C GLU B 201 -13.26 -2.88 -19.92
N ARG B 202 -14.28 -2.28 -19.33
CA ARG B 202 -15.66 -2.72 -19.52
C ARG B 202 -16.46 -1.60 -20.18
N PRO B 203 -17.75 -1.86 -20.52
CA PRO B 203 -18.60 -0.83 -21.15
C PRO B 203 -18.37 0.55 -20.55
N GLY B 204 -18.02 1.50 -21.40
CA GLY B 204 -17.69 2.81 -20.90
C GLY B 204 -16.21 2.89 -20.58
N GLY B 205 -15.89 3.74 -19.61
CA GLY B 205 -14.49 3.83 -19.20
C GLY B 205 -14.16 2.88 -18.03
N VAL B 206 -15.20 2.17 -17.55
CA VAL B 206 -15.06 1.39 -16.32
C VAL B 206 -13.94 0.35 -16.39
N LEU B 207 -13.13 0.35 -15.34
CA LEU B 207 -12.03 -0.59 -15.21
C LEU B 207 -12.46 -1.61 -14.15
N GLU B 208 -12.43 -2.89 -14.51
CA GLU B 208 -12.84 -3.95 -13.60
C GLU B 208 -11.66 -4.80 -13.13
N PRO B 209 -11.44 -4.86 -11.80
CA PRO B 209 -10.32 -5.67 -11.31
C PRO B 209 -10.58 -7.13 -11.67
N VAL B 210 -9.52 -7.87 -12.00
CA VAL B 210 -9.68 -9.27 -12.34
C VAL B 210 -8.74 -10.16 -11.53
N GLU B 211 -9.13 -11.42 -11.36
CA GLU B 211 -8.32 -12.38 -10.62
C GLU B 211 -7.20 -12.85 -11.52
N ALA B 212 -6.01 -12.33 -11.29
CA ALA B 212 -4.86 -12.68 -12.11
C ALA B 212 -3.63 -11.98 -11.56
N VAL B 213 -2.47 -12.35 -12.07
CA VAL B 213 -1.22 -11.70 -11.68
C VAL B 213 -0.52 -11.37 -13.01
N VAL B 214 0.30 -10.34 -13.02
CA VAL B 214 1.01 -9.97 -14.24
C VAL B 214 2.50 -10.11 -13.98
N ASP B 215 3.23 -10.63 -14.96
CA ASP B 215 4.68 -10.81 -14.82
C ASP B 215 5.32 -9.46 -14.56
N LYS B 216 6.10 -9.36 -13.48
CA LYS B 216 6.70 -8.09 -13.12
C LYS B 216 7.74 -7.57 -14.11
N ASP B 217 8.44 -8.47 -14.79
CA ASP B 217 9.44 -8.04 -15.76
C ASP B 217 8.79 -7.51 -17.05
N LEU B 218 7.76 -8.21 -17.53
CA LEU B 218 7.06 -7.78 -18.73
C LEU B 218 6.39 -6.44 -18.44
N ALA B 219 5.80 -6.32 -17.26
CA ALA B 219 5.15 -5.06 -16.88
C ALA B 219 6.17 -3.94 -16.74
N SER B 220 7.34 -4.26 -16.19
CA SER B 220 8.38 -3.26 -16.02
C SER B 220 8.89 -2.78 -17.38
N SER B 221 9.02 -3.70 -18.33
CA SER B 221 9.47 -3.33 -19.66
C SER B 221 8.47 -2.40 -20.33
N LEU B 222 7.19 -2.68 -20.15
CA LEU B 222 6.13 -1.84 -20.70
C LEU B 222 6.20 -0.45 -20.06
N LEU B 223 6.36 -0.42 -18.74
CA LEU B 223 6.45 0.85 -18.03
C LEU B 223 7.62 1.67 -18.55
N ALA B 224 8.76 1.02 -18.73
CA ALA B 224 9.97 1.68 -19.22
C ALA B 224 9.72 2.33 -20.57
N THR B 225 9.00 1.63 -21.44
CA THR B 225 8.70 2.17 -22.76
C THR B 225 7.74 3.34 -22.66
N GLN B 226 6.73 3.23 -21.81
CA GLN B 226 5.73 4.28 -21.67
C GLN B 226 6.29 5.55 -20.99
N LEU B 227 7.34 5.33 -20.15
CA LEU B 227 8.00 6.47 -19.50
C LEU B 227 9.12 7.04 -20.37
N ASN B 228 9.33 6.41 -21.55
CA ASN B 228 10.47 6.80 -22.37
C ASN B 228 11.79 6.75 -21.59
N ALA B 229 11.95 5.71 -20.76
CA ALA B 229 13.16 5.57 -19.96
C ALA B 229 14.39 5.37 -20.84
N ASP B 230 15.55 5.73 -20.31
CA ASP B 230 16.80 5.59 -21.05
C ASP B 230 17.37 4.19 -20.93
N LEU B 231 16.89 3.43 -19.96
CA LEU B 231 17.39 2.08 -19.74
C LEU B 231 16.45 1.21 -18.92
N LEU B 232 16.36 -0.06 -19.31
CA LEU B 232 15.56 -1.03 -18.58
C LEU B 232 16.57 -1.96 -17.94
N VAL B 233 16.51 -2.09 -16.63
CA VAL B 233 17.43 -2.95 -15.90
C VAL B 233 16.68 -4.03 -15.16
N ILE B 234 17.08 -5.29 -15.38
CA ILE B 234 16.46 -6.40 -14.68
C ILE B 234 17.55 -7.00 -13.80
N LEU B 235 17.38 -6.89 -12.48
CA LEU B 235 18.35 -7.40 -11.52
C LEU B 235 17.85 -8.73 -10.96
N THR B 236 18.71 -9.74 -11.01
CA THR B 236 18.33 -11.07 -10.52
C THR B 236 19.49 -11.66 -9.72
N ASP B 237 19.48 -12.98 -9.56
CA ASP B 237 20.53 -13.68 -8.81
C ASP B 237 21.73 -14.04 -9.66
N VAL B 238 21.51 -14.23 -10.96
CA VAL B 238 22.59 -14.59 -11.87
C VAL B 238 23.28 -13.37 -12.46
N PRO B 239 24.56 -13.51 -12.82
CA PRO B 239 25.39 -12.45 -13.41
C PRO B 239 24.90 -11.97 -14.78
N GLY B 240 24.13 -12.83 -15.45
CA GLY B 240 23.61 -12.50 -16.77
C GLY B 240 22.92 -13.70 -17.35
N VAL B 241 22.63 -13.66 -18.64
CA VAL B 241 21.96 -14.78 -19.30
C VAL B 241 22.96 -15.85 -19.69
N ALA B 242 22.61 -17.09 -19.32
CA ALA B 242 23.48 -18.21 -19.68
C ALA B 242 22.84 -19.09 -20.76
N VAL B 243 23.67 -19.42 -21.76
CA VAL B 243 23.26 -20.33 -22.83
C VAL B 243 24.27 -21.49 -22.97
N ASN B 244 25.45 -21.30 -22.35
CA ASN B 244 26.49 -22.32 -22.41
C ASN B 244 26.85 -22.80 -21.01
N TYR B 245 26.55 -24.09 -20.75
CA TYR B 245 26.85 -24.64 -19.42
C TYR B 245 28.04 -25.62 -19.49
N GLY B 246 28.79 -25.58 -20.58
CA GLY B 246 29.95 -26.44 -20.72
C GLY B 246 31.14 -25.83 -20.01
N ARG B 247 32.18 -26.63 -19.77
CA ARG B 247 33.36 -26.13 -19.08
C ARG B 247 34.07 -25.02 -19.86
N GLU B 248 34.01 -25.08 -21.18
CA GLU B 248 34.65 -24.07 -22.02
C GLU B 248 33.70 -22.96 -22.44
N GLY B 249 34.26 -21.86 -22.93
CA GLY B 249 33.45 -20.74 -23.37
C GLY B 249 33.11 -19.76 -22.26
N GLU B 250 32.45 -18.66 -22.61
CA GLU B 250 32.06 -17.67 -21.62
C GLU B 250 30.91 -18.24 -20.79
N ARG B 251 30.86 -17.86 -19.52
CA ARG B 251 29.81 -18.35 -18.63
C ARG B 251 28.47 -17.67 -18.90
N TRP B 252 28.48 -16.35 -18.99
CA TRP B 252 27.27 -15.59 -19.23
C TRP B 252 27.51 -14.59 -20.36
N LEU B 253 26.52 -14.46 -21.25
CA LEU B 253 26.63 -13.53 -22.37
C LEU B 253 26.85 -12.12 -21.87
N ARG B 254 27.83 -11.41 -22.44
CA ARG B 254 28.12 -10.05 -22.04
C ARG B 254 27.25 -9.08 -22.83
N ARG B 255 27.00 -9.43 -24.09
CA ARG B 255 26.04 -8.67 -24.86
C ARG B 255 25.58 -9.49 -26.04
N ALA B 256 24.37 -9.19 -26.47
CA ALA B 256 23.71 -9.97 -27.51
C ALA B 256 22.63 -9.16 -28.19
N ALA B 257 22.55 -9.30 -29.52
CA ALA B 257 21.55 -8.60 -30.29
C ALA B 257 20.18 -9.19 -29.95
N ALA B 258 19.15 -8.36 -29.98
CA ALA B 258 17.80 -8.81 -29.68
C ALA B 258 17.44 -10.06 -30.48
N SER B 259 17.73 -10.03 -31.77
CA SER B 259 17.42 -11.17 -32.64
C SER B 259 18.14 -12.44 -32.18
N GLU B 260 19.32 -12.28 -31.62
CA GLU B 260 20.10 -13.42 -31.14
C GLU B 260 19.42 -14.07 -29.95
N LEU B 261 19.00 -13.25 -28.98
CA LEU B 261 18.32 -13.78 -27.80
C LEU B 261 16.98 -14.37 -28.21
N LYS B 262 16.28 -13.71 -29.11
CA LYS B 262 14.99 -14.19 -29.58
C LYS B 262 15.11 -15.61 -30.13
N LYS B 263 16.21 -15.88 -30.82
CA LYS B 263 16.43 -17.21 -31.39
C LYS B 263 16.63 -18.23 -30.27
N TYR B 264 17.43 -17.88 -29.27
CA TYR B 264 17.66 -18.78 -28.15
C TYR B 264 16.35 -19.05 -27.43
N LEU B 265 15.56 -17.98 -27.26
CA LEU B 265 14.27 -18.06 -26.59
C LEU B 265 13.35 -19.02 -27.35
N ARG B 266 13.29 -18.87 -28.66
CA ARG B 266 12.44 -19.72 -29.49
C ARG B 266 12.91 -21.16 -29.55
N GLU B 267 14.10 -21.43 -29.01
CA GLU B 267 14.64 -22.78 -29.00
C GLU B 267 14.37 -23.47 -27.66
N GLY B 268 14.03 -22.68 -26.65
CA GLY B 268 13.75 -23.25 -25.34
C GLY B 268 14.86 -23.13 -24.32
N HIS B 269 15.82 -22.26 -24.59
CA HIS B 269 16.95 -22.05 -23.69
C HIS B 269 16.61 -21.31 -22.40
N PHE B 270 15.48 -20.60 -22.40
CA PHE B 270 15.09 -19.85 -21.22
C PHE B 270 13.71 -20.26 -20.70
N PRO B 271 13.68 -21.00 -19.59
CA PRO B 271 12.43 -21.48 -18.97
C PRO B 271 11.41 -20.36 -18.75
N PRO B 272 10.15 -20.61 -19.10
CA PRO B 272 9.08 -19.61 -18.92
C PRO B 272 8.88 -19.27 -17.45
N GLY B 273 9.34 -20.15 -16.57
CA GLY B 273 9.19 -19.92 -15.14
C GLY B 273 10.30 -19.08 -14.53
N SER B 274 11.33 -18.76 -15.30
CA SER B 274 12.43 -17.98 -14.77
C SER B 274 13.02 -16.94 -15.73
N MET B 275 14.06 -17.32 -16.47
CA MET B 275 14.71 -16.39 -17.39
C MET B 275 13.90 -16.03 -18.64
N GLY B 276 12.98 -16.90 -19.03
CA GLY B 276 12.17 -16.64 -20.21
C GLY B 276 11.58 -15.25 -20.26
N PRO B 277 10.73 -14.89 -19.27
CA PRO B 277 10.08 -13.58 -19.20
C PRO B 277 11.04 -12.39 -19.18
N LYS B 278 12.17 -12.55 -18.50
CA LYS B 278 13.16 -11.48 -18.40
C LYS B 278 13.78 -11.19 -19.77
N VAL B 279 14.08 -12.24 -20.51
CA VAL B 279 14.65 -12.09 -21.85
C VAL B 279 13.59 -11.44 -22.77
N GLU B 280 12.35 -11.91 -22.66
CA GLU B 280 11.29 -11.35 -23.49
C GLU B 280 11.13 -9.86 -23.19
N ALA B 281 11.18 -9.52 -21.91
CA ALA B 281 11.03 -8.12 -21.49
C ALA B 281 12.15 -7.24 -22.02
N ALA B 282 13.38 -7.75 -21.96
CA ALA B 282 14.51 -6.98 -22.44
C ALA B 282 14.40 -6.78 -23.94
N ILE B 283 14.07 -7.84 -24.67
CA ILE B 283 13.92 -7.78 -26.11
C ILE B 283 12.88 -6.74 -26.48
N SER B 284 11.72 -6.79 -25.82
CA SER B 284 10.65 -5.84 -26.09
C SER B 284 11.07 -4.39 -25.91
N PHE B 285 11.76 -4.09 -24.82
CA PHE B 285 12.20 -2.73 -24.56
C PHE B 285 13.11 -2.23 -25.69
N VAL B 286 14.06 -3.08 -26.08
CA VAL B 286 15.00 -2.71 -27.14
C VAL B 286 14.32 -2.50 -28.49
N GLU B 287 13.40 -3.39 -28.85
CA GLU B 287 12.70 -3.29 -30.12
C GLU B 287 11.77 -2.07 -30.19
N ARG B 288 11.12 -1.77 -29.08
CA ARG B 288 10.19 -0.66 -29.03
C ARG B 288 10.83 0.72 -28.90
N THR B 289 11.94 0.81 -28.16
CA THR B 289 12.60 2.11 -27.94
C THR B 289 13.94 2.30 -28.62
N GLY B 290 14.61 1.20 -28.97
CA GLY B 290 15.91 1.30 -29.60
C GLY B 290 17.02 1.52 -28.58
N LYS B 291 16.66 1.62 -27.31
CA LYS B 291 17.65 1.81 -26.26
C LYS B 291 18.04 0.47 -25.67
N PRO B 292 19.20 0.39 -25.01
CA PRO B 292 19.65 -0.87 -24.42
C PRO B 292 18.90 -1.33 -23.18
N ALA B 293 18.86 -2.64 -23.00
CA ALA B 293 18.24 -3.27 -21.84
C ALA B 293 19.35 -4.18 -21.31
N VAL B 294 19.39 -4.38 -20.00
CA VAL B 294 20.43 -5.23 -19.42
C VAL B 294 19.90 -6.13 -18.32
N ILE B 295 20.37 -7.37 -18.33
CA ILE B 295 19.97 -8.36 -17.34
C ILE B 295 21.23 -8.72 -16.55
N GLY B 296 21.23 -8.41 -15.26
CA GLY B 296 22.40 -8.70 -14.44
C GLY B 296 22.07 -9.01 -12.99
N SER B 297 23.10 -9.05 -12.14
CA SER B 297 22.93 -9.36 -10.73
C SER B 297 22.74 -8.14 -9.84
N LEU B 298 21.88 -8.28 -8.84
CA LEU B 298 21.61 -7.22 -7.89
C LEU B 298 22.92 -6.76 -7.26
N GLU B 299 23.79 -7.73 -6.95
CA GLU B 299 25.08 -7.43 -6.33
C GLU B 299 25.93 -6.47 -7.17
N GLU B 300 25.94 -6.71 -8.48
CA GLU B 300 26.73 -5.91 -9.41
C GLU B 300 25.95 -4.77 -10.07
N ALA B 301 24.83 -4.38 -9.46
CA ALA B 301 23.99 -3.32 -10.00
C ALA B 301 24.75 -2.08 -10.48
N ARG B 302 25.74 -1.65 -9.72
CA ARG B 302 26.50 -0.45 -10.08
C ARG B 302 27.17 -0.59 -11.45
N GLN B 303 27.75 -1.74 -11.72
CA GLN B 303 28.40 -1.99 -12.99
C GLN B 303 27.34 -2.25 -14.06
N VAL B 304 26.25 -2.88 -13.64
CA VAL B 304 25.15 -3.15 -14.57
C VAL B 304 24.58 -1.86 -15.18
N LEU B 305 24.19 -0.93 -14.29
CA LEU B 305 23.62 0.33 -14.77
C LEU B 305 24.52 0.99 -15.83
N SER B 306 25.84 0.77 -15.67
CA SER B 306 26.82 1.35 -16.61
C SER B 306 27.04 0.45 -17.83
N LEU B 307 26.40 -0.72 -17.82
CA LEU B 307 26.55 -1.61 -18.96
C LEU B 307 27.96 -2.22 -19.06
N GLN B 308 28.64 -2.29 -17.90
CA GLN B 308 29.95 -2.94 -17.85
C GLN B 308 29.89 -4.31 -17.17
N ALA B 309 28.65 -4.74 -16.87
CA ALA B 309 28.42 -6.07 -16.32
C ALA B 309 27.00 -6.51 -16.69
N GLY B 310 26.75 -7.82 -16.59
CA GLY B 310 25.42 -8.30 -17.00
C GLY B 310 25.32 -8.45 -18.52
N THR B 311 24.20 -9.01 -18.99
CA THR B 311 23.98 -9.21 -20.41
C THR B 311 23.33 -7.97 -21.01
N VAL B 312 24.06 -7.29 -21.89
CA VAL B 312 23.56 -6.09 -22.54
C VAL B 312 22.85 -6.46 -23.85
N VAL B 313 21.55 -6.18 -23.90
CA VAL B 313 20.76 -6.47 -25.09
C VAL B 313 20.77 -5.25 -25.98
N MET B 314 21.10 -5.43 -27.25
CA MET B 314 21.15 -4.33 -28.19
C MET B 314 20.26 -4.55 -29.41
N LEU B 315 19.87 -3.45 -30.05
CA LEU B 315 19.00 -3.52 -31.22
C LEU B 315 19.73 -4.18 -32.38
N GLY B 316 19.12 -5.23 -32.92
CA GLY B 316 19.72 -5.94 -34.04
C GLY B 316 19.40 -7.41 -34.00
#